data_9JFP
#
_entry.id   9JFP
#
_cell.length_a   1.00
_cell.length_b   1.00
_cell.length_c   1.00
_cell.angle_alpha   90.00
_cell.angle_beta   90.00
_cell.angle_gamma   90.00
#
_symmetry.space_group_name_H-M   'P 1'
#
loop_
_entity.id
_entity.type
_entity.pdbx_description
1 polymer 'DNA (37-MER)'
2 polymer 'DNA (37-MER)'
3 polymer 'RNA (195-MER)'
4 polymer LaTranC
#
loop_
_entity_poly.entity_id
_entity_poly.type
_entity_poly.pdbx_seq_one_letter_code
_entity_poly.pdbx_strand_id
1 'polydeoxyribonucleotide'
;(DT)(DC)(DG)(DG)(DT)(DA)(DC)(DG)(DG)(DA)(DC)(DT)(DT)(DT)(DC)(DG)(DG)(DC)(DG)(DT)
(DC)(DG)(DT)(DG)(DT)(DT)(DT)(DG)(DA)(DA)(DA)(DA)(DT)(DC)(DC)(DC)(DG)
;
C
2 'polydeoxyribonucleotide'
;(DC)(DG)(DG)(DG)(DA)(DT)(DT)(DT)(DT)(DC)(DC)(DT)(DC)(DG)(DT)(DG)(DG)(DA)(DC)(DG)
(DC)(DC)(DG)(DA)(DA)(DA)(DG)(DT)(DC)(DC)(DG)(DT)(DA)(DC)(DC)(DG)(DA)
;
D
3 'polyribonucleotide'
;GGUGGGAGGUCUGUCCCCACCAUGGGGUGCGAACCUUGUGUGCUCAUCAUUGCCGUGAGCGUUCGCACGUCCAAACGACC
AUAUCAUCGUUGCCCUGCGACCAUUCAGCGGCAAUCAAGACGCAGGCAUGAUAUGUAACCAUGCAUUGGAAAGUGCAUGG
AGCAGAAGAAACACAGUAGGAGGGACUUACGUUAG
;
F
4 'polypeptide(L)'
;SLNAKKIRLENYAMKMRLYPSPTQAEQMDKMFLALRLAYNMTFHEVFQQNPAVCGDPDEDGNVWPSYKKMANKTWRKALI
DQNPAIAEAPAAAITTNNGLFLSNGQKAWKTGMHNLPANKADRKDFRFYSLSKPRRSFAVQIPPDCIIPSDTNQKVARIK
LPKIDGAIKARGFNRKIWFGPDGKHTYEEALAAHELSNNLTVRVSKDTCGDYFICITFSQGKVKGDKPTWEFYQEVRVSP
IPEPIGLDVGIKDIAILNTGTKYENKQFKRDRAATLKKMSRQLSRRWGPANSAFRDYNKNIRAENRALEKAQQDPGSSGV
GPEAPVLKSVAQPSRRYLTIQKNRAKLERKIARRRDTYYHQVTAEVAGKSSLLAVETLRVKNMLQNHRLAFALSDAAMSD
FISKLKYKARRIQVPLVAIGTFQPSSQTCSVCGSINPAVKNLSIRVWTCPNCGTRHNRDINAAKNILAIAQNMLEKKV
;
A
#
# COMPACT_ATOMS: atom_id res chain seq x y z
N SER D 1 -11.78 8.50 -34.14
CA SER D 1 -11.55 9.83 -33.57
C SER D 1 -11.52 9.76 -32.05
N LEU D 2 -10.36 9.38 -31.50
CA LEU D 2 -10.17 9.27 -30.06
C LEU D 2 -11.19 8.33 -29.44
N ASN D 3 -11.48 7.22 -30.12
CA ASN D 3 -12.44 6.25 -29.63
C ASN D 3 -11.83 5.40 -28.53
N ALA D 4 -12.66 5.01 -27.57
CA ALA D 4 -12.23 4.14 -26.49
C ALA D 4 -12.00 2.72 -27.01
N LYS D 5 -10.96 2.08 -26.51
CA LYS D 5 -10.58 0.74 -26.94
C LYS D 5 -10.61 -0.19 -25.73
N LYS D 6 -11.38 -1.28 -25.84
CA LYS D 6 -11.42 -2.29 -24.79
C LYS D 6 -10.28 -3.28 -25.01
N ILE D 7 -9.45 -3.46 -23.98
CA ILE D 7 -8.29 -4.34 -24.06
C ILE D 7 -8.32 -5.31 -22.89
N ARG D 8 -7.67 -6.46 -23.08
CA ARG D 8 -7.61 -7.46 -22.03
C ARG D 8 -6.59 -7.08 -20.97
N LEU D 9 -6.90 -7.40 -19.72
CA LEU D 9 -6.03 -7.10 -18.59
C LEU D 9 -5.68 -8.38 -17.84
N GLU D 10 -4.44 -8.43 -17.34
CA GLU D 10 -4.01 -9.58 -16.55
C GLU D 10 -4.34 -9.40 -15.07
N ASN D 11 -4.25 -8.17 -14.56
CA ASN D 11 -4.53 -7.88 -13.17
C ASN D 11 -5.13 -6.49 -13.05
N TYR D 12 -5.90 -6.29 -11.97
CA TYR D 12 -6.53 -5.01 -11.72
C TYR D 12 -6.83 -4.91 -10.23
N ALA D 13 -6.98 -3.68 -9.75
CA ALA D 13 -7.30 -3.42 -8.35
C ALA D 13 -8.15 -2.16 -8.28
N MET D 14 -9.46 -2.34 -8.13
CA MET D 14 -10.35 -1.20 -7.97
C MET D 14 -10.09 -0.53 -6.64
N LYS D 15 -9.66 0.73 -6.68
CA LYS D 15 -9.38 1.52 -5.48
C LYS D 15 -10.61 2.39 -5.21
N MET D 16 -11.44 1.95 -4.27
CA MET D 16 -12.60 2.71 -3.84
C MET D 16 -12.38 3.22 -2.43
N ARG D 17 -13.29 4.08 -1.98
CA ARG D 17 -13.26 4.64 -0.64
C ARG D 17 -14.51 4.19 0.11
N LEU D 18 -14.30 3.53 1.25
CA LEU D 18 -15.40 3.07 2.08
C LEU D 18 -15.96 4.22 2.92
N TYR D 19 -17.25 4.12 3.23
CA TYR D 19 -17.93 5.08 4.09
C TYR D 19 -18.64 4.32 5.20
N PRO D 20 -17.88 3.79 6.16
CA PRO D 20 -18.46 2.89 7.14
C PRO D 20 -19.03 3.61 8.34
N SER D 21 -19.97 2.94 9.00
CA SER D 21 -20.47 3.42 10.27
C SER D 21 -19.34 3.40 11.30
N PRO D 22 -19.43 4.24 12.34
CA PRO D 22 -18.37 4.23 13.37
C PRO D 22 -18.11 2.86 13.97
N THR D 23 -19.15 2.05 14.15
CA THR D 23 -18.94 0.68 14.64
C THR D 23 -18.13 -0.13 13.64
N GLN D 24 -18.42 0.02 12.35
CA GLN D 24 -17.68 -0.71 11.32
C GLN D 24 -16.21 -0.31 11.31
N ALA D 25 -15.95 1.01 11.40
CA ALA D 25 -14.57 1.48 11.45
C ALA D 25 -13.85 0.97 12.69
N GLU D 26 -14.55 0.95 13.83
CA GLU D 26 -13.96 0.42 15.06
C GLU D 26 -13.61 -1.05 14.91
N GLN D 27 -14.49 -1.83 14.29
CA GLN D 27 -14.21 -3.24 14.08
C GLN D 27 -13.01 -3.46 13.17
N MET D 28 -12.91 -2.68 12.09
CA MET D 28 -11.75 -2.82 11.21
C MET D 28 -10.46 -2.37 11.90
N ASP D 29 -10.53 -1.36 12.77
CA ASP D 29 -9.36 -0.98 13.54
C ASP D 29 -8.92 -2.10 14.47
N LYS D 30 -9.89 -2.76 15.12
CA LYS D 30 -9.56 -3.91 15.96
C LYS D 30 -8.92 -5.02 15.14
N MET D 31 -9.40 -5.22 13.92
CA MET D 31 -8.83 -6.24 13.04
C MET D 31 -7.38 -5.90 12.68
N PHE D 32 -7.12 -4.62 12.39
CA PHE D 32 -5.75 -4.18 12.13
C PHE D 32 -4.85 -4.44 13.32
N LEU D 33 -5.33 -4.11 14.53
CA LEU D 33 -4.54 -4.34 15.74
C LEU D 33 -4.27 -5.82 15.95
N ALA D 34 -5.27 -6.67 15.68
CA ALA D 34 -5.06 -8.11 15.81
C ALA D 34 -4.00 -8.59 14.83
N LEU D 35 -4.03 -8.09 13.59
CA LEU D 35 -3.02 -8.49 12.61
C LEU D 35 -1.63 -8.07 13.04
N ARG D 36 -1.48 -6.84 13.54
CA ARG D 36 -0.16 -6.40 13.97
C ARG D 36 0.34 -7.20 15.17
N LEU D 37 -0.56 -7.54 16.10
CA LEU D 37 -0.16 -8.36 17.23
C LEU D 37 0.29 -9.74 16.78
N ALA D 38 -0.44 -10.34 15.85
CA ALA D 38 -0.03 -11.65 15.32
C ALA D 38 1.36 -11.57 14.69
N TYR D 39 1.57 -10.56 13.83
CA TYR D 39 2.86 -10.42 13.18
C TYR D 39 3.98 -10.26 14.19
N ASN D 40 3.80 -9.36 15.16
CA ASN D 40 4.86 -9.08 16.13
C ASN D 40 5.16 -10.31 16.99
N MET D 41 4.14 -11.01 17.46
CA MET D 41 4.38 -12.17 18.31
C MET D 41 5.06 -13.29 17.53
N THR D 42 4.60 -13.54 16.30
CA THR D 42 5.22 -14.60 15.50
C THR D 42 6.68 -14.27 15.19
N PHE D 43 6.97 -13.02 14.83
CA PHE D 43 8.33 -12.68 14.46
C PHE D 43 9.20 -12.28 15.65
N HIS D 44 8.65 -12.31 16.86
CA HIS D 44 9.50 -12.39 18.04
C HIS D 44 9.79 -13.83 18.43
N GLU D 45 8.85 -14.74 18.20
CA GLU D 45 9.10 -16.15 18.48
C GLU D 45 10.01 -16.79 17.44
N VAL D 46 10.13 -16.19 16.25
CA VAL D 46 10.99 -16.76 15.21
C VAL D 46 12.45 -16.77 15.65
N PHE D 47 12.88 -15.78 16.43
CA PHE D 47 14.28 -15.66 16.81
C PHE D 47 14.66 -16.57 17.97
N GLN D 48 13.70 -17.28 18.57
CA GLN D 48 13.97 -18.15 19.70
C GLN D 48 14.21 -19.60 19.28
N GLN D 49 14.27 -19.88 17.98
CA GLN D 49 14.45 -21.24 17.46
C GLN D 49 13.34 -22.16 17.96
N ASN D 50 12.10 -21.67 17.93
CA ASN D 50 10.95 -22.44 18.36
C ASN D 50 10.52 -23.39 17.24
N PRO D 51 10.48 -24.70 17.47
CA PRO D 51 10.05 -25.62 16.40
C PRO D 51 8.64 -25.35 15.90
N ALA D 52 7.77 -24.78 16.72
CA ALA D 52 6.41 -24.50 16.29
C ALA D 52 6.32 -23.33 15.33
N VAL D 53 7.40 -22.56 15.15
CA VAL D 53 7.40 -21.40 14.26
C VAL D 53 8.52 -21.57 13.24
N CYS D 54 9.57 -22.31 13.62
CA CYS D 54 10.73 -22.51 12.78
C CYS D 54 10.76 -23.94 12.25
N GLY D 55 11.28 -24.09 11.03
CA GLY D 55 11.25 -25.37 10.35
C GLY D 55 12.21 -26.41 10.89
N ASP D 56 12.54 -27.39 10.06
CA ASP D 56 13.40 -28.54 10.33
C ASP D 56 14.87 -28.16 10.13
N PRO D 57 15.72 -28.44 11.11
CA PRO D 57 17.13 -28.05 11.01
C PRO D 57 17.86 -28.81 9.92
N ASP D 58 18.82 -28.13 9.30
CA ASP D 58 19.69 -28.74 8.32
C ASP D 58 20.81 -29.49 9.03
N GLU D 59 21.61 -30.24 8.27
CA GLU D 59 22.68 -31.03 8.88
C GLU D 59 23.73 -30.15 9.55
N ASP D 60 23.80 -28.86 9.22
CA ASP D 60 24.72 -27.94 9.87
C ASP D 60 24.10 -27.27 11.09
N GLY D 61 22.78 -27.32 11.21
CA GLY D 61 22.07 -26.60 12.26
C GLY D 61 21.37 -25.34 11.79
N ASN D 62 21.31 -25.08 10.50
CA ASN D 62 20.67 -23.89 9.97
C ASN D 62 19.17 -24.10 9.90
N VAL D 63 18.40 -23.21 10.53
CA VAL D 63 16.96 -23.34 10.65
C VAL D 63 16.31 -22.09 10.07
N TRP D 64 15.40 -22.29 9.11
CA TRP D 64 14.61 -21.19 8.55
C TRP D 64 13.19 -21.26 9.09
N PRO D 65 12.51 -20.12 9.23
CA PRO D 65 11.11 -20.15 9.64
C PRO D 65 10.20 -20.66 8.53
N SER D 66 9.68 -21.87 8.70
CA SER D 66 8.73 -22.43 7.74
C SER D 66 7.34 -21.85 8.03
N TYR D 67 6.78 -21.15 7.06
CA TYR D 67 5.52 -20.45 7.26
C TYR D 67 4.32 -21.39 7.33
N LYS D 68 4.48 -22.65 6.93
CA LYS D 68 3.38 -23.60 7.06
C LYS D 68 3.00 -23.81 8.51
N LYS D 69 3.94 -23.65 9.43
CA LYS D 69 3.64 -23.69 10.86
C LYS D 69 3.01 -22.40 11.36
N MET D 70 2.96 -21.36 10.52
CA MET D 70 2.30 -20.11 10.87
C MET D 70 0.89 -20.01 10.30
N ALA D 71 0.61 -20.71 9.20
CA ALA D 71 -0.71 -20.75 8.60
C ALA D 71 -1.57 -21.89 9.11
N ASN D 72 -1.01 -22.81 9.89
CA ASN D 72 -1.79 -23.90 10.44
C ASN D 72 -2.67 -23.41 11.58
N LYS D 73 -3.79 -24.10 11.78
CA LYS D 73 -4.76 -23.70 12.80
C LYS D 73 -4.20 -23.85 14.21
N THR D 74 -3.22 -24.71 14.41
CA THR D 74 -2.69 -24.91 15.77
C THR D 74 -1.98 -23.66 16.27
N TRP D 75 -1.20 -23.00 15.41
CA TRP D 75 -0.52 -21.77 15.83
C TRP D 75 -1.53 -20.67 16.14
N ARG D 76 -2.57 -20.54 15.33
CA ARG D 76 -3.59 -19.53 15.61
C ARG D 76 -4.35 -19.85 16.90
N LYS D 77 -4.61 -21.13 17.16
CA LYS D 77 -5.27 -21.50 18.40
C LYS D 77 -4.40 -21.16 19.60
N ALA D 78 -3.10 -21.47 19.53
CA ALA D 78 -2.20 -21.10 20.62
C ALA D 78 -2.15 -19.59 20.79
N LEU D 79 -2.10 -18.85 19.69
CA LEU D 79 -2.05 -17.40 19.75
C LEU D 79 -3.29 -16.83 20.43
N ILE D 80 -4.48 -17.26 20.00
CA ILE D 80 -5.70 -16.76 20.62
C ILE D 80 -5.82 -17.25 22.05
N ASP D 81 -5.14 -18.33 22.41
CA ASP D 81 -5.06 -18.71 23.82
C ASP D 81 -4.21 -17.70 24.59
N GLN D 82 -3.11 -17.24 24.00
CA GLN D 82 -2.24 -16.30 24.70
C GLN D 82 -2.91 -14.95 24.91
N ASN D 83 -3.57 -14.42 23.88
CA ASN D 83 -4.32 -13.17 24.01
C ASN D 83 -5.63 -13.29 23.26
N PRO D 84 -6.70 -12.66 23.75
CA PRO D 84 -7.99 -12.76 23.05
C PRO D 84 -8.17 -11.76 21.92
N ALA D 85 -7.46 -10.63 21.94
CA ALA D 85 -7.67 -9.60 20.95
C ALA D 85 -7.21 -10.00 19.55
N ILE D 86 -6.40 -11.05 19.43
CA ILE D 86 -5.99 -11.51 18.10
C ILE D 86 -7.13 -12.23 17.40
N ALA D 87 -8.06 -12.80 18.17
CA ALA D 87 -9.19 -13.52 17.57
C ALA D 87 -10.17 -12.58 16.88
N GLU D 88 -10.03 -11.28 17.05
CA GLU D 88 -10.90 -10.29 16.43
C GLU D 88 -10.59 -10.04 14.97
N ALA D 89 -9.78 -10.89 14.33
CA ALA D 89 -9.46 -10.77 12.93
C ALA D 89 -9.76 -12.09 12.22
N PRO D 90 -10.23 -12.03 10.97
CA PRO D 90 -10.54 -13.26 10.25
C PRO D 90 -9.28 -14.11 10.05
N ALA D 91 -9.47 -15.43 10.13
CA ALA D 91 -8.36 -16.33 9.89
C ALA D 91 -7.91 -16.31 8.44
N ALA D 92 -8.77 -15.86 7.52
CA ALA D 92 -8.35 -15.70 6.14
C ALA D 92 -7.30 -14.61 6.00
N ALA D 93 -7.36 -13.59 6.85
CA ALA D 93 -6.37 -12.52 6.83
C ALA D 93 -5.00 -12.98 7.29
N ILE D 94 -4.89 -14.18 7.86
CA ILE D 94 -3.64 -14.71 8.39
C ILE D 94 -3.19 -15.96 7.64
N THR D 95 -4.09 -16.92 7.45
CA THR D 95 -3.72 -18.23 6.96
C THR D 95 -3.74 -18.37 5.44
N THR D 96 -4.25 -17.38 4.71
CA THR D 96 -4.36 -17.51 3.27
C THR D 96 -3.06 -17.11 2.58
N ASN D 97 -2.99 -17.40 1.28
CA ASN D 97 -1.79 -17.10 0.51
C ASN D 97 -1.54 -15.61 0.37
N ASN D 98 -2.58 -14.79 0.53
CA ASN D 98 -2.45 -13.34 0.50
C ASN D 98 -2.63 -12.74 1.89
N GLY D 99 -2.26 -13.49 2.93
CA GLY D 99 -2.48 -13.10 4.29
C GLY D 99 -1.27 -12.46 4.94
N LEU D 100 -1.23 -12.54 6.28
CA LEU D 100 -0.21 -11.84 7.04
C LEU D 100 1.15 -12.52 6.93
N PHE D 101 1.20 -13.84 7.01
CA PHE D 101 2.45 -14.57 7.07
C PHE D 101 2.94 -15.04 5.71
N LEU D 102 2.05 -15.66 4.92
CA LEU D 102 2.47 -16.21 3.63
C LEU D 102 2.76 -15.15 2.59
N SER D 103 2.36 -13.90 2.82
CA SER D 103 2.57 -12.83 1.85
C SER D 103 3.46 -11.71 2.40
N ASN D 104 3.17 -11.22 3.60
CA ASN D 104 3.95 -10.11 4.15
C ASN D 104 5.21 -10.60 4.84
N GLY D 105 5.08 -11.58 5.73
CA GLY D 105 6.25 -12.07 6.46
C GLY D 105 7.27 -12.75 5.55
N GLN D 106 6.79 -13.49 4.55
CA GLN D 106 7.71 -14.16 3.64
C GLN D 106 8.55 -13.14 2.86
N LYS D 107 7.91 -12.08 2.36
CA LYS D 107 8.64 -11.04 1.66
C LYS D 107 9.58 -10.31 2.60
N ALA D 108 9.14 -10.06 3.84
CA ALA D 108 9.99 -9.37 4.81
C ALA D 108 11.25 -10.17 5.09
N TRP D 109 11.11 -11.49 5.27
CA TRP D 109 12.28 -12.31 5.57
C TRP D 109 13.11 -12.64 4.34
N LYS D 110 12.55 -12.53 3.15
CA LYS D 110 13.31 -12.77 1.94
C LYS D 110 13.98 -11.51 1.38
N THR D 111 13.58 -10.33 1.84
CA THR D 111 14.19 -9.09 1.38
C THR D 111 14.92 -8.34 2.49
N GLY D 112 14.25 -8.07 3.61
CA GLY D 112 14.89 -7.31 4.66
C GLY D 112 16.07 -8.02 5.28
N MET D 113 15.91 -9.31 5.60
CA MET D 113 16.96 -10.10 6.22
C MET D 113 17.72 -10.96 5.23
N HIS D 114 17.48 -10.78 3.93
CA HIS D 114 18.27 -11.42 2.87
C HIS D 114 18.22 -12.95 2.96
N ASN D 115 17.11 -13.48 3.47
CA ASN D 115 16.88 -14.93 3.53
C ASN D 115 17.99 -15.64 4.31
N LEU D 116 18.06 -15.34 5.60
CA LEU D 116 19.08 -15.93 6.45
C LEU D 116 18.44 -16.62 7.64
N PRO D 117 19.07 -17.68 8.16
CA PRO D 117 18.47 -18.41 9.28
C PRO D 117 18.39 -17.56 10.53
N ALA D 118 17.39 -17.88 11.37
CA ALA D 118 17.16 -17.10 12.58
C ALA D 118 18.30 -17.20 13.58
N ASN D 119 19.16 -18.22 13.47
CA ASN D 119 20.31 -18.37 14.35
C ASN D 119 21.52 -17.60 13.86
N LYS D 120 21.44 -16.95 12.70
CA LYS D 120 22.54 -16.15 12.15
C LYS D 120 22.14 -14.71 11.89
N ALA D 121 20.93 -14.30 12.26
CA ALA D 121 20.45 -12.95 12.01
C ALA D 121 20.02 -12.30 13.33
N ASP D 122 20.10 -10.98 13.37
CA ASP D 122 19.82 -10.22 14.57
C ASP D 122 18.37 -9.74 14.59
N ARG D 123 17.98 -9.14 15.71
CA ARG D 123 16.64 -8.61 15.87
C ARG D 123 16.54 -7.13 15.56
N LYS D 124 17.64 -6.38 15.75
CA LYS D 124 17.60 -4.94 15.56
C LYS D 124 17.29 -4.57 14.12
N ASP D 125 17.84 -5.32 13.16
CA ASP D 125 17.68 -4.99 11.75
C ASP D 125 16.28 -5.31 11.23
N PHE D 126 15.61 -6.33 11.77
CA PHE D 126 14.27 -6.66 11.32
C PHE D 126 13.28 -5.58 11.73
N ARG D 127 12.32 -5.32 10.86
CA ARG D 127 11.34 -4.24 11.05
C ARG D 127 10.04 -4.85 11.54
N PHE D 128 9.58 -4.42 12.71
CA PHE D 128 8.35 -4.88 13.31
C PHE D 128 7.21 -3.95 12.90
N TYR D 129 6.05 -4.12 13.53
CA TYR D 129 4.92 -3.22 13.39
C TYR D 129 4.77 -2.43 14.68
N SER D 130 4.68 -1.11 14.55
CA SER D 130 4.55 -0.23 15.71
C SER D 130 3.92 1.09 15.25
N LEU D 131 4.03 2.10 16.10
CA LEU D 131 3.48 3.42 15.77
C LEU D 131 4.13 4.00 14.52
N SER D 132 5.38 3.63 14.25
CA SER D 132 6.07 4.15 13.07
C SER D 132 5.50 3.54 11.79
N LYS D 133 5.30 2.22 11.77
CA LYS D 133 4.75 1.53 10.61
C LYS D 133 3.60 0.63 11.08
N PRO D 134 2.45 1.22 11.39
CA PRO D 134 1.31 0.41 11.85
C PRO D 134 0.74 -0.45 10.73
N ARG D 135 0.10 -1.54 11.12
CA ARG D 135 -0.50 -2.48 10.16
C ARG D 135 -1.89 -1.99 9.80
N ARG D 136 -1.96 -1.09 8.82
CA ARG D 136 -3.23 -0.58 8.32
C ARG D 136 -3.66 -1.33 7.06
N SER D 137 -3.88 -2.63 7.19
CA SER D 137 -4.33 -3.42 6.04
C SER D 137 -4.72 -4.81 6.51
N PHE D 138 -5.74 -5.37 5.85
CA PHE D 138 -6.05 -6.79 5.97
C PHE D 138 -6.66 -7.25 4.67
N ALA D 139 -6.33 -8.48 4.27
CA ALA D 139 -6.80 -9.06 3.03
C ALA D 139 -7.62 -10.31 3.32
N VAL D 140 -8.84 -10.36 2.79
CA VAL D 140 -9.75 -11.48 2.99
C VAL D 140 -10.30 -11.91 1.64
N GLN D 141 -11.03 -13.02 1.65
CA GLN D 141 -11.65 -13.57 0.45
C GLN D 141 -13.16 -13.46 0.58
N ILE D 142 -13.78 -12.81 -0.40
CA ILE D 142 -15.24 -12.67 -0.42
C ILE D 142 -15.75 -13.06 -1.81
N PRO D 143 -16.95 -13.63 -1.91
CA PRO D 143 -17.51 -13.92 -3.22
C PRO D 143 -18.06 -12.67 -3.87
N PRO D 144 -18.32 -12.68 -5.18
CA PRO D 144 -18.87 -11.49 -5.84
C PRO D 144 -20.23 -11.07 -5.30
N ASP D 145 -20.98 -11.99 -4.68
CA ASP D 145 -22.30 -11.64 -4.15
C ASP D 145 -22.22 -10.63 -3.02
N CYS D 146 -21.06 -10.49 -2.37
CA CYS D 146 -20.89 -9.48 -1.34
C CYS D 146 -20.66 -8.09 -1.92
N ILE D 147 -20.46 -7.98 -3.23
CA ILE D 147 -20.31 -6.71 -3.91
C ILE D 147 -21.57 -6.50 -4.74
N ILE D 148 -22.42 -5.58 -4.30
CA ILE D 148 -23.68 -5.27 -4.97
C ILE D 148 -23.67 -3.80 -5.36
N PRO D 149 -23.32 -3.49 -6.60
CA PRO D 149 -23.37 -2.10 -7.06
C PRO D 149 -24.79 -1.55 -6.98
N SER D 150 -24.91 -0.29 -6.57
CA SER D 150 -26.21 0.36 -6.52
C SER D 150 -26.71 0.65 -7.93
N ASP D 151 -27.98 0.33 -8.18
CA ASP D 151 -28.53 0.50 -9.52
C ASP D 151 -28.71 1.98 -9.87
N THR D 152 -29.11 2.79 -8.89
CA THR D 152 -29.40 4.19 -9.16
C THR D 152 -28.14 4.96 -9.58
N ASN D 153 -27.05 4.75 -8.88
CA ASN D 153 -25.82 5.50 -9.10
C ASN D 153 -24.80 4.66 -9.84
N GLN D 154 -24.06 5.30 -10.74
CA GLN D 154 -23.06 4.61 -11.55
C GLN D 154 -21.72 4.46 -10.83
N LYS D 155 -21.58 5.03 -9.63
CA LYS D 155 -20.30 5.03 -8.93
C LYS D 155 -20.48 4.69 -7.45
N VAL D 156 -21.53 3.94 -7.11
CA VAL D 156 -21.80 3.58 -5.73
C VAL D 156 -22.04 2.08 -5.65
N ALA D 157 -21.37 1.42 -4.71
CA ALA D 157 -21.57 0.00 -4.46
C ALA D 157 -21.58 -0.24 -2.95
N ARG D 158 -22.21 -1.33 -2.56
CA ARG D 158 -22.26 -1.75 -1.16
C ARG D 158 -21.39 -2.99 -0.99
N ILE D 159 -20.51 -2.97 0.01
CA ILE D 159 -19.55 -4.04 0.25
C ILE D 159 -19.77 -4.60 1.64
N LYS D 160 -19.94 -5.91 1.74
CA LYS D 160 -20.03 -6.58 3.03
C LYS D 160 -18.71 -7.30 3.32
N LEU D 161 -18.14 -7.03 4.48
CA LEU D 161 -16.88 -7.61 4.88
C LEU D 161 -17.07 -8.66 5.97
N PRO D 162 -16.25 -9.71 6.00
CA PRO D 162 -16.40 -10.73 7.04
C PRO D 162 -16.24 -10.13 8.42
N LYS D 163 -17.08 -10.60 9.35
CA LYS D 163 -17.17 -10.18 10.73
C LYS D 163 -17.75 -8.77 10.90
N ILE D 164 -18.09 -8.08 9.81
CA ILE D 164 -18.77 -6.79 9.87
C ILE D 164 -20.12 -6.95 9.19
N ASP D 165 -21.17 -6.55 9.89
CA ASP D 165 -22.52 -6.54 9.36
C ASP D 165 -22.95 -5.12 9.06
N GLY D 166 -23.46 -4.89 7.85
CA GLY D 166 -23.92 -3.57 7.49
C GLY D 166 -23.72 -3.19 6.03
N ALA D 167 -22.93 -3.97 5.31
CA ALA D 167 -22.72 -3.77 3.88
C ALA D 167 -22.19 -2.36 3.59
N ILE D 168 -20.95 -2.12 4.06
CA ILE D 168 -20.27 -0.85 3.96
C ILE D 168 -20.43 -0.24 2.56
N LYS D 169 -20.75 1.05 2.51
CA LYS D 169 -20.96 1.76 1.26
C LYS D 169 -19.61 2.11 0.63
N ALA D 170 -19.53 2.00 -0.69
CA ALA D 170 -18.30 2.25 -1.42
C ALA D 170 -18.57 3.17 -2.59
N ARG D 171 -17.57 4.00 -2.90
CA ARG D 171 -17.65 4.94 -4.01
C ARG D 171 -16.37 4.87 -4.83
N GLY D 172 -16.52 4.96 -6.14
CA GLY D 172 -15.37 4.89 -7.03
C GLY D 172 -15.38 3.65 -7.90
N PHE D 173 -16.56 3.09 -8.14
CA PHE D 173 -16.68 1.89 -8.93
C PHE D 173 -16.33 2.20 -10.38
N ASN D 174 -15.15 1.77 -10.81
CA ASN D 174 -14.70 2.01 -12.18
C ASN D 174 -15.55 1.18 -13.14
N ARG D 175 -16.47 1.83 -13.84
CA ARG D 175 -17.30 1.15 -14.83
C ARG D 175 -16.67 1.13 -16.21
N LYS D 176 -15.38 1.43 -16.31
CA LYS D 176 -14.67 1.39 -17.57
C LYS D 176 -14.00 0.04 -17.82
N ILE D 177 -14.23 -0.94 -16.95
CA ILE D 177 -13.73 -2.29 -17.15
C ILE D 177 -14.93 -3.23 -17.29
N TRP D 178 -14.85 -4.15 -18.25
CA TRP D 178 -15.94 -5.05 -18.56
C TRP D 178 -15.49 -6.49 -18.41
N PHE D 179 -16.37 -7.32 -17.87
CA PHE D 179 -16.11 -8.74 -17.69
C PHE D 179 -16.86 -9.56 -18.74
N GLY D 180 -16.37 -10.77 -18.97
CA GLY D 180 -17.01 -11.68 -19.91
C GLY D 180 -16.05 -12.16 -20.97
N PRO D 181 -16.55 -13.01 -21.87
CA PRO D 181 -15.69 -13.53 -22.95
C PRO D 181 -15.14 -12.45 -23.85
N ASP D 182 -15.91 -11.39 -24.11
CA ASP D 182 -15.46 -10.30 -24.97
C ASP D 182 -15.72 -8.93 -24.33
N GLY D 183 -15.90 -8.88 -23.02
CA GLY D 183 -16.13 -7.62 -22.34
C GLY D 183 -17.43 -6.95 -22.72
N LYS D 184 -18.52 -7.70 -22.84
CA LYS D 184 -19.83 -7.16 -23.15
C LYS D 184 -20.80 -7.27 -21.99
N HIS D 185 -20.28 -7.51 -20.78
CA HIS D 185 -21.10 -7.63 -19.58
C HIS D 185 -20.64 -6.63 -18.53
N THR D 186 -21.59 -6.08 -17.78
CA THR D 186 -21.27 -5.27 -16.62
C THR D 186 -20.95 -6.19 -15.44
N TYR D 187 -20.87 -5.62 -14.24
CA TYR D 187 -20.61 -6.44 -13.06
C TYR D 187 -21.78 -7.36 -12.76
N GLU D 188 -23.00 -6.82 -12.77
CA GLU D 188 -24.18 -7.65 -12.53
C GLU D 188 -24.37 -8.69 -13.61
N GLU D 189 -24.17 -8.31 -14.87
CA GLU D 189 -24.32 -9.25 -15.97
C GLU D 189 -23.31 -10.39 -15.88
N ALA D 190 -22.09 -10.08 -15.45
CA ALA D 190 -21.08 -11.13 -15.30
C ALA D 190 -21.37 -12.02 -14.09
N LEU D 191 -21.80 -11.42 -12.98
CA LEU D 191 -22.10 -12.20 -11.79
C LEU D 191 -23.26 -13.15 -12.02
N ALA D 192 -24.32 -12.67 -12.68
CA ALA D 192 -25.48 -13.51 -12.92
C ALA D 192 -25.21 -14.61 -13.94
N ALA D 193 -24.24 -14.41 -14.83
CA ALA D 193 -23.89 -15.40 -15.84
C ALA D 193 -22.78 -16.33 -15.40
N HIS D 194 -22.31 -16.20 -14.16
CA HIS D 194 -21.22 -17.02 -13.63
C HIS D 194 -19.96 -16.90 -14.50
N GLU D 195 -19.46 -15.67 -14.59
CA GLU D 195 -18.22 -15.38 -15.30
C GLU D 195 -17.24 -14.61 -14.43
N LEU D 196 -17.43 -14.66 -13.11
CA LEU D 196 -16.53 -14.05 -12.15
C LEU D 196 -15.97 -15.13 -11.23
N SER D 197 -14.79 -14.86 -10.68
CA SER D 197 -14.17 -15.79 -9.74
C SER D 197 -15.04 -15.94 -8.51
N ASN D 198 -15.29 -17.19 -8.10
CA ASN D 198 -16.13 -17.44 -6.93
C ASN D 198 -15.48 -16.99 -5.64
N ASN D 199 -14.18 -16.71 -5.64
CA ASN D 199 -13.49 -16.11 -4.51
C ASN D 199 -12.63 -14.97 -5.02
N LEU D 200 -12.76 -13.81 -4.38
CA LEU D 200 -12.04 -12.61 -4.80
C LEU D 200 -11.37 -11.98 -3.60
N THR D 201 -10.13 -11.52 -3.79
CA THR D 201 -9.34 -10.93 -2.73
C THR D 201 -9.64 -9.44 -2.63
N VAL D 202 -9.83 -8.96 -1.40
CA VAL D 202 -10.07 -7.54 -1.14
C VAL D 202 -9.17 -7.09 0.00
N ARG D 203 -8.54 -5.93 -0.18
CA ARG D 203 -7.68 -5.33 0.82
C ARG D 203 -8.38 -4.08 1.37
N VAL D 204 -8.58 -4.05 2.69
CA VAL D 204 -9.14 -2.88 3.36
C VAL D 204 -7.99 -2.17 4.06
N SER D 205 -7.72 -0.94 3.65
CA SER D 205 -6.58 -0.18 4.14
C SER D 205 -7.03 1.17 4.69
N LYS D 206 -6.31 1.63 5.71
CA LYS D 206 -6.54 2.93 6.33
C LYS D 206 -5.30 3.78 6.13
N ASP D 207 -5.41 4.82 5.31
CA ASP D 207 -4.26 5.65 4.97
C ASP D 207 -3.85 6.52 6.17
N THR D 208 -2.88 7.40 5.92
CA THR D 208 -2.33 8.21 7.00
C THR D 208 -3.40 9.10 7.62
N CYS D 209 -4.23 9.71 6.79
CA CYS D 209 -5.39 10.44 7.29
C CYS D 209 -6.51 9.47 7.66
N GLY D 210 -7.45 9.95 8.45
CA GLY D 210 -8.59 9.11 8.78
C GLY D 210 -9.46 8.87 7.56
N ASP D 211 -9.36 7.68 7.00
CA ASP D 211 -10.06 7.31 5.77
C ASP D 211 -9.85 5.82 5.54
N TYR D 212 -10.74 5.23 4.75
CA TYR D 212 -10.69 3.80 4.46
C TYR D 212 -10.81 3.57 2.96
N PHE D 213 -10.08 2.58 2.46
CA PHE D 213 -10.08 2.24 1.06
C PHE D 213 -10.19 0.73 0.91
N ILE D 214 -10.70 0.29 -0.23
CA ILE D 214 -10.82 -1.13 -0.55
C ILE D 214 -10.19 -1.37 -1.91
N CYS D 215 -9.55 -2.52 -2.07
CA CYS D 215 -8.87 -2.91 -3.31
C CYS D 215 -9.38 -4.28 -3.72
N ILE D 216 -10.35 -4.31 -4.63
CA ILE D 216 -10.89 -5.57 -5.15
C ILE D 216 -9.97 -6.03 -6.27
N THR D 217 -9.13 -7.00 -5.98
CA THR D 217 -8.16 -7.49 -6.94
C THR D 217 -8.81 -8.50 -7.88
N PHE D 218 -8.72 -8.22 -9.18
CA PHE D 218 -9.20 -9.12 -10.23
C PHE D 218 -7.99 -9.77 -10.87
N SER D 219 -7.89 -11.10 -10.76
CA SER D 219 -6.74 -11.81 -11.28
C SER D 219 -7.18 -13.04 -12.05
N GLN D 220 -6.66 -13.19 -13.26
CA GLN D 220 -6.88 -14.42 -14.02
C GLN D 220 -6.21 -15.58 -13.31
N GLY D 221 -6.91 -16.71 -13.25
CA GLY D 221 -6.42 -17.85 -12.50
C GLY D 221 -5.20 -18.51 -13.12
N LYS D 222 -5.37 -19.13 -14.27
CA LYS D 222 -4.31 -19.83 -14.97
C LYS D 222 -4.11 -19.21 -16.35
N VAL D 223 -3.12 -19.73 -17.07
CA VAL D 223 -2.79 -19.23 -18.40
C VAL D 223 -2.72 -20.41 -19.36
N LYS D 224 -3.42 -21.49 -19.02
CA LYS D 224 -3.39 -22.70 -19.82
C LYS D 224 -3.84 -22.41 -21.25
N GLY D 225 -3.09 -22.95 -22.21
CA GLY D 225 -3.35 -22.65 -23.61
C GLY D 225 -3.20 -21.17 -23.91
N ASP D 226 -4.32 -20.51 -24.22
CA ASP D 226 -4.32 -19.07 -24.40
C ASP D 226 -5.50 -18.38 -23.73
N LYS D 227 -6.52 -19.11 -23.29
CA LYS D 227 -7.71 -18.51 -22.69
C LYS D 227 -7.51 -18.35 -21.18
N PRO D 228 -7.67 -17.14 -20.64
CA PRO D 228 -7.59 -16.98 -19.19
C PRO D 228 -8.74 -17.66 -18.48
N THR D 229 -8.47 -18.09 -17.24
CA THR D 229 -9.53 -18.70 -16.43
C THR D 229 -10.65 -17.70 -16.15
N TRP D 230 -10.28 -16.46 -15.81
CA TRP D 230 -11.23 -15.38 -15.63
C TRP D 230 -10.82 -14.23 -16.54
N GLU D 231 -11.76 -13.71 -17.31
CA GLU D 231 -11.47 -12.71 -18.34
C GLU D 231 -12.19 -11.41 -18.00
N PHE D 232 -11.41 -10.34 -17.86
CA PHE D 232 -11.96 -9.00 -17.68
C PHE D 232 -11.20 -8.02 -18.57
N TYR D 233 -11.92 -7.03 -19.08
CA TYR D 233 -11.39 -6.05 -20.02
C TYR D 233 -11.32 -4.68 -19.35
N GLN D 234 -10.95 -3.67 -20.15
CA GLN D 234 -10.97 -2.28 -19.72
C GLN D 234 -10.88 -1.40 -20.96
N GLU D 235 -11.74 -0.39 -21.03
CA GLU D 235 -11.74 0.53 -22.15
C GLU D 235 -10.80 1.69 -21.87
N VAL D 236 -9.87 1.94 -22.80
CA VAL D 236 -8.94 3.05 -22.73
C VAL D 236 -9.02 3.82 -24.04
N ARG D 237 -8.68 5.09 -23.99
CA ARG D 237 -8.78 5.96 -25.14
C ARG D 237 -7.40 6.19 -25.75
N VAL D 238 -7.32 6.05 -27.07
CA VAL D 238 -6.08 6.17 -27.82
C VAL D 238 -6.29 7.19 -28.93
N SER D 239 -5.21 7.82 -29.36
CA SER D 239 -5.30 8.79 -30.44
C SER D 239 -5.75 8.08 -31.73
N PRO D 240 -6.56 8.75 -32.55
CA PRO D 240 -7.04 8.09 -33.78
C PRO D 240 -5.93 7.66 -34.71
N ILE D 241 -4.86 8.45 -34.81
CA ILE D 241 -3.71 8.09 -35.63
C ILE D 241 -2.44 8.26 -34.80
N PRO D 242 -2.02 7.23 -34.08
CA PRO D 242 -0.81 7.36 -33.26
C PRO D 242 0.43 7.61 -34.12
N GLU D 243 1.36 8.37 -33.55
CA GLU D 243 2.63 8.66 -34.20
C GLU D 243 3.77 8.42 -33.22
N PRO D 244 4.93 8.01 -33.71
CA PRO D 244 6.07 7.78 -32.80
C PRO D 244 6.44 9.06 -32.06
N ILE D 245 6.78 8.89 -30.78
CA ILE D 245 7.05 10.03 -29.90
C ILE D 245 8.37 9.78 -29.18
N GLY D 246 9.26 10.76 -29.23
CA GLY D 246 10.49 10.73 -28.47
C GLY D 246 10.37 11.61 -27.25
N LEU D 247 10.60 11.03 -26.08
CA LEU D 247 10.39 11.72 -24.81
C LEU D 247 11.72 12.21 -24.25
N ASP D 248 11.78 13.51 -23.96
CA ASP D 248 12.95 14.13 -23.35
C ASP D 248 12.51 14.89 -22.11
N VAL D 249 13.28 14.78 -21.04
CA VAL D 249 12.97 15.39 -19.76
C VAL D 249 13.87 16.60 -19.57
N GLY D 250 13.26 17.77 -19.36
CA GLY D 250 13.98 19.00 -19.16
C GLY D 250 14.02 19.41 -17.70
N ILE D 251 14.17 20.72 -17.49
CA ILE D 251 14.25 21.28 -16.14
C ILE D 251 12.88 21.83 -15.74
N LYS D 252 12.39 22.80 -16.51
CA LYS D 252 11.13 23.46 -16.21
C LYS D 252 9.91 22.71 -16.75
N ASP D 253 10.11 21.57 -17.40
CA ASP D 253 9.02 20.76 -17.93
C ASP D 253 9.22 19.32 -17.47
N ILE D 254 8.11 18.69 -17.04
CA ILE D 254 8.19 17.29 -16.65
C ILE D 254 8.43 16.38 -17.84
N ALA D 255 8.13 16.85 -19.06
CA ALA D 255 8.35 16.06 -20.26
C ALA D 255 8.27 16.99 -21.47
N ILE D 256 9.09 16.70 -22.47
CA ILE D 256 9.07 17.42 -23.74
C ILE D 256 8.89 16.39 -24.85
N LEU D 257 7.89 16.60 -25.70
CA LEU D 257 7.56 15.68 -26.77
C LEU D 257 8.10 16.20 -28.10
N ASN D 258 8.58 15.28 -28.93
CA ASN D 258 9.08 15.66 -30.24
C ASN D 258 8.00 16.25 -31.13
N THR D 259 6.73 15.94 -30.85
CA THR D 259 5.63 16.53 -31.62
C THR D 259 5.59 18.04 -31.43
N GLY D 260 5.78 18.50 -30.19
CA GLY D 260 5.80 19.92 -29.92
C GLY D 260 5.11 20.32 -28.64
N THR D 261 4.16 19.49 -28.18
CA THR D 261 3.42 19.81 -26.97
C THR D 261 4.35 19.72 -25.75
N LYS D 262 3.97 20.43 -24.69
CA LYS D 262 4.78 20.54 -23.49
C LYS D 262 3.90 20.43 -22.27
N TYR D 263 4.49 19.93 -21.18
CA TYR D 263 3.83 19.88 -19.88
C TYR D 263 4.78 20.47 -18.85
N GLU D 264 4.37 21.57 -18.23
CA GLU D 264 5.21 22.23 -17.24
C GLU D 264 5.06 21.51 -15.91
N ASN D 265 6.18 21.09 -15.32
CA ASN D 265 6.12 20.35 -14.06
C ASN D 265 5.61 21.27 -12.96
N LYS D 266 4.37 21.03 -12.52
CA LYS D 266 3.75 21.90 -11.52
C LYS D 266 4.60 21.98 -10.26
N GLN D 267 5.14 20.84 -9.82
CA GLN D 267 6.02 20.78 -8.66
C GLN D 267 5.32 21.40 -7.44
N PHE D 268 4.26 20.70 -7.02
CA PHE D 268 3.33 21.23 -6.03
C PHE D 268 3.99 21.44 -4.66
N LYS D 269 5.15 20.83 -4.42
CA LYS D 269 5.80 20.95 -3.11
C LYS D 269 6.18 22.40 -2.83
N ARG D 270 6.91 23.04 -3.75
CA ARG D 270 7.38 24.39 -3.50
C ARG D 270 6.24 25.38 -3.39
N ASP D 271 5.21 25.22 -4.23
CA ASP D 271 4.04 26.10 -4.14
C ASP D 271 3.34 25.98 -2.80
N ARG D 272 3.53 24.87 -2.10
CA ARG D 272 2.99 24.67 -0.77
C ARG D 272 4.07 24.49 0.28
N ALA D 273 5.33 24.80 -0.06
CA ALA D 273 6.43 24.58 0.87
C ALA D 273 6.36 25.52 2.07
N ALA D 274 5.89 26.75 1.88
CA ALA D 274 5.76 27.66 3.00
C ALA D 274 4.81 27.11 4.05
N THR D 275 3.66 26.60 3.60
CA THR D 275 2.69 26.02 4.54
C THR D 275 3.27 24.78 5.22
N LEU D 276 3.97 23.94 4.47
CA LEU D 276 4.56 22.74 5.05
C LEU D 276 5.57 23.09 6.13
N LYS D 277 6.45 24.06 5.84
CA LYS D 277 7.44 24.46 6.83
C LYS D 277 6.78 25.11 8.04
N LYS D 278 5.73 25.90 7.82
CA LYS D 278 5.01 26.50 8.94
C LYS D 278 4.41 25.43 9.84
N MET D 279 3.75 24.44 9.24
CA MET D 279 3.13 23.38 10.04
C MET D 279 4.19 22.56 10.77
N SER D 280 5.32 22.28 10.10
CA SER D 280 6.38 21.51 10.72
C SER D 280 6.94 22.23 11.93
N ARG D 281 7.30 23.51 11.78
CA ARG D 281 7.76 24.29 12.92
C ARG D 281 6.66 24.50 13.95
N GLN D 282 5.39 24.33 13.56
CA GLN D 282 4.31 24.42 14.53
C GLN D 282 4.29 23.20 15.43
N LEU D 283 4.13 22.00 14.85
CA LEU D 283 4.04 20.83 15.72
C LEU D 283 5.39 20.47 16.32
N SER D 284 6.49 21.06 15.84
CA SER D 284 7.78 20.94 16.50
C SER D 284 7.81 21.65 17.85
N ARG D 285 6.80 22.47 18.14
CA ARG D 285 6.69 23.14 19.43
C ARG D 285 5.48 22.69 20.22
N ARG D 286 4.56 21.93 19.62
CA ARG D 286 3.37 21.48 20.31
C ARG D 286 3.70 20.37 21.30
N TRP D 287 2.70 19.95 22.07
CA TRP D 287 2.88 18.96 23.12
C TRP D 287 2.72 17.53 22.61
N GLY D 288 2.74 17.32 21.31
CA GLY D 288 2.73 15.99 20.76
C GLY D 288 4.13 15.50 20.47
N PRO D 289 4.23 14.32 19.86
CA PRO D 289 5.55 13.81 19.45
C PRO D 289 6.21 14.74 18.44
N ALA D 290 7.46 14.39 18.10
CA ALA D 290 8.30 15.20 17.22
C ALA D 290 8.49 16.61 17.79
N ASN D 291 8.66 16.69 19.10
CA ASN D 291 8.87 17.95 19.79
C ASN D 291 10.18 18.02 20.58
N SER D 292 10.74 16.87 20.98
CA SER D 292 11.94 16.74 21.81
C SER D 292 11.70 17.19 23.25
N ALA D 293 10.52 17.73 23.56
CA ALA D 293 10.11 17.99 24.93
C ALA D 293 8.95 17.11 25.34
N PHE D 294 8.36 16.36 24.40
CA PHE D 294 7.35 15.34 24.68
C PHE D 294 7.90 13.94 24.50
N ARG D 295 8.71 13.70 23.47
CA ARG D 295 9.41 12.43 23.34
C ARG D 295 10.24 12.14 24.57
N ASP D 296 11.08 13.09 24.97
CA ASP D 296 11.95 12.90 26.13
C ASP D 296 11.14 12.73 27.40
N TYR D 297 10.09 13.52 27.57
CA TYR D 297 9.24 13.40 28.75
C TYR D 297 8.61 12.02 28.84
N ASN D 298 8.04 11.54 27.73
CA ASN D 298 7.41 10.23 27.74
C ASN D 298 8.42 9.11 27.99
N LYS D 299 9.58 9.17 27.32
CA LYS D 299 10.60 8.15 27.53
C LYS D 299 11.09 8.14 28.96
N ASN D 300 11.33 9.33 29.53
CA ASN D 300 11.77 9.39 30.92
C ASN D 300 10.73 8.81 31.85
N ILE D 301 9.48 9.31 31.79
CA ILE D 301 8.47 8.83 32.72
C ILE D 301 8.27 7.33 32.56
N ARG D 302 8.43 6.80 31.35
CA ARG D 302 8.42 5.35 31.18
C ARG D 302 9.58 4.70 31.92
N ALA D 303 10.77 5.32 31.88
CA ALA D 303 11.93 4.75 32.55
C ALA D 303 11.74 4.72 34.07
N GLU D 304 11.31 5.84 34.66
CA GLU D 304 11.03 5.81 36.09
C GLU D 304 9.85 4.90 36.43
N ASN D 305 8.88 4.74 35.53
CA ASN D 305 7.80 3.78 35.79
C ASN D 305 8.35 2.37 35.89
N ARG D 306 9.22 2.00 34.96
CA ARG D 306 9.84 0.67 34.99
C ARG D 306 10.70 0.50 36.24
N ALA D 307 11.47 1.54 36.59
CA ALA D 307 12.31 1.45 37.77
C ALA D 307 11.48 1.29 39.04
N LEU D 308 10.39 2.04 39.16
CA LEU D 308 9.52 1.94 40.32
C LEU D 308 8.85 0.57 40.37
N GLU D 309 8.43 0.04 39.22
CA GLU D 309 7.84 -1.30 39.20
C GLU D 309 8.86 -2.35 39.65
N LYS D 310 10.11 -2.21 39.19
CA LYS D 310 11.15 -3.14 39.61
C LYS D 310 11.40 -3.05 41.11
N ALA D 311 11.45 -1.82 41.65
CA ALA D 311 11.69 -1.64 43.07
C ALA D 311 10.52 -2.14 43.91
N GLN D 312 9.30 -2.06 43.37
CA GLN D 312 8.14 -2.57 44.09
C GLN D 312 8.05 -4.08 44.03
N GLN D 313 8.54 -4.70 42.95
CA GLN D 313 8.34 -6.13 42.78
C GLN D 313 9.34 -6.95 43.60
N ASP D 314 10.63 -6.85 43.27
CA ASP D 314 11.62 -7.72 43.90
C ASP D 314 11.99 -7.25 45.31
N PRO D 315 12.43 -6.00 45.52
CA PRO D 315 12.75 -5.58 46.90
C PRO D 315 11.57 -5.64 47.85
N GLY D 316 10.38 -5.30 47.38
CA GLY D 316 9.20 -5.33 48.24
C GLY D 316 8.51 -6.67 48.34
N SER D 317 8.92 -7.64 47.52
CA SER D 317 8.40 -9.00 47.46
C SER D 317 6.95 -9.07 46.97
N SER D 318 6.31 -7.93 46.71
CA SER D 318 4.93 -7.88 46.21
C SER D 318 4.00 -8.71 47.10
N GLY D 319 4.14 -8.55 48.41
CA GLY D 319 3.37 -9.36 49.33
C GLY D 319 1.88 -9.08 49.32
N VAL D 320 1.47 -7.91 49.83
CA VAL D 320 0.06 -7.53 49.79
C VAL D 320 -0.10 -6.11 49.23
N GLY D 321 0.54 -5.14 49.86
CA GLY D 321 0.39 -3.75 49.48
C GLY D 321 1.67 -2.93 49.48
N PRO D 322 2.81 -3.51 49.07
CA PRO D 322 4.10 -2.82 49.27
C PRO D 322 4.17 -1.46 48.61
N GLU D 323 4.27 -0.42 49.42
CA GLU D 323 4.35 0.99 48.98
C GLU D 323 3.09 1.25 48.14
N ALA D 324 3.20 1.94 47.00
CA ALA D 324 2.06 2.24 46.14
C ALA D 324 2.56 2.56 44.74
N PRO D 325 2.71 1.55 43.87
CA PRO D 325 3.22 1.83 42.51
C PRO D 325 2.25 2.64 41.67
N VAL D 326 2.60 3.89 41.39
CA VAL D 326 1.75 4.77 40.60
C VAL D 326 1.87 4.40 39.12
N LEU D 327 0.72 4.29 38.45
CA LEU D 327 0.66 3.98 37.04
C LEU D 327 0.31 5.18 36.18
N LYS D 328 -0.77 5.88 36.52
CA LYS D 328 -1.21 7.07 35.80
C LYS D 328 -1.43 6.76 34.32
N SER D 329 -0.67 7.45 33.46
CA SER D 329 -0.76 7.25 32.02
C SER D 329 0.64 7.31 31.43
N VAL D 330 0.71 7.11 30.11
CA VAL D 330 1.99 7.15 29.40
C VAL D 330 1.91 8.33 28.43
N ALA D 331 1.17 9.37 28.83
CA ALA D 331 1.00 10.61 28.08
C ALA D 331 0.25 10.40 26.76
N GLN D 332 -0.42 11.44 26.29
CA GLN D 332 -1.17 11.40 25.04
C GLN D 332 -1.06 12.76 24.36
N PRO D 333 -0.88 12.78 23.04
CA PRO D 333 -0.82 14.06 22.33
C PRO D 333 -2.11 14.85 22.49
N SER D 334 -1.97 16.17 22.56
CA SER D 334 -3.10 17.05 22.82
C SER D 334 -3.92 17.27 21.55
N ARG D 335 -5.12 17.81 21.74
CA ARG D 335 -6.02 18.03 20.61
C ARG D 335 -5.48 19.06 19.65
N ARG D 336 -4.92 20.16 20.16
CA ARG D 336 -4.37 21.19 19.28
C ARG D 336 -3.18 20.65 18.50
N TYR D 337 -2.44 19.71 19.07
CA TYR D 337 -1.43 18.98 18.29
C TYR D 337 -2.09 18.09 17.26
N LEU D 338 -3.18 17.41 17.65
CA LEU D 338 -3.80 16.42 16.76
C LEU D 338 -4.40 17.07 15.53
N THR D 339 -5.04 18.24 15.69
CA THR D 339 -5.65 18.89 14.54
C THR D 339 -4.60 19.32 13.51
N ILE D 340 -3.48 19.85 13.96
CA ILE D 340 -2.42 20.25 13.04
C ILE D 340 -1.76 19.03 12.42
N GLN D 341 -1.63 17.95 13.19
CA GLN D 341 -1.10 16.71 12.62
C GLN D 341 -1.99 16.20 11.50
N LYS D 342 -3.30 16.19 11.73
CA LYS D 342 -4.24 15.73 10.72
C LYS D 342 -4.22 16.66 9.50
N ASN D 343 -4.18 17.97 9.72
CA ASN D 343 -4.13 18.91 8.60
C ASN D 343 -2.85 18.73 7.80
N ARG D 344 -1.71 18.54 8.47
CA ARG D 344 -0.46 18.32 7.78
C ARG D 344 -0.53 17.05 6.93
N ALA D 345 -1.02 15.96 7.52
CA ALA D 345 -1.14 14.72 6.77
C ALA D 345 -2.06 14.89 5.58
N LYS D 346 -3.18 15.59 5.76
CA LYS D 346 -4.07 15.90 4.65
C LYS D 346 -3.35 16.68 3.56
N LEU D 347 -2.43 17.56 3.95
CA LEU D 347 -1.80 18.41 2.94
C LEU D 347 -0.74 17.66 2.15
N GLU D 348 0.08 16.80 2.79
CA GLU D 348 0.95 15.97 1.96
C GLU D 348 0.15 14.96 1.14
N ARG D 349 -0.98 14.48 1.68
CA ARG D 349 -1.83 13.60 0.89
C ARG D 349 -2.36 14.34 -0.34
N LYS D 350 -2.73 15.60 -0.17
CA LYS D 350 -3.21 16.40 -1.29
C LYS D 350 -2.11 16.63 -2.32
N ILE D 351 -0.89 16.91 -1.86
CA ILE D 351 0.22 17.12 -2.81
C ILE D 351 0.50 15.85 -3.59
N ALA D 352 0.58 14.72 -2.89
CA ALA D 352 0.83 13.44 -3.55
C ALA D 352 -0.29 13.09 -4.51
N ARG D 353 -1.53 13.34 -4.10
CA ARG D 353 -2.69 13.06 -4.94
C ARG D 353 -2.68 13.93 -6.20
N ARG D 354 -2.35 15.21 -6.05
CA ARG D 354 -2.26 16.10 -7.19
C ARG D 354 -1.18 15.64 -8.16
N ARG D 355 -0.01 15.28 -7.62
CA ARG D 355 1.07 14.80 -8.47
C ARG D 355 0.69 13.51 -9.18
N ASP D 356 0.04 12.59 -8.47
CA ASP D 356 -0.36 11.32 -9.05
C ASP D 356 -1.36 11.53 -10.18
N THR D 357 -2.36 12.40 -9.96
CA THR D 357 -3.37 12.63 -10.99
C THR D 357 -2.78 13.35 -12.19
N TYR D 358 -1.89 14.33 -11.94
CA TYR D 358 -1.25 15.03 -13.04
C TYR D 358 -0.39 14.09 -13.87
N TYR D 359 0.34 13.19 -13.20
CA TYR D 359 1.17 12.24 -13.93
C TYR D 359 0.32 11.23 -14.70
N HIS D 360 -0.82 10.81 -14.12
CA HIS D 360 -1.75 9.97 -14.86
C HIS D 360 -2.25 10.68 -16.10
N GLN D 361 -2.63 11.95 -15.98
CA GLN D 361 -3.12 12.68 -17.14
C GLN D 361 -2.05 12.77 -18.22
N VAL D 362 -0.82 13.12 -17.83
CA VAL D 362 0.26 13.26 -18.80
C VAL D 362 0.55 11.92 -19.47
N THR D 363 0.67 10.86 -18.69
CA THR D 363 0.98 9.55 -19.25
C THR D 363 -0.13 9.05 -20.17
N ALA D 364 -1.39 9.23 -19.77
CA ALA D 364 -2.49 8.82 -20.62
C ALA D 364 -2.51 9.59 -21.93
N GLU D 365 -2.25 10.90 -21.86
CA GLU D 365 -2.26 11.69 -23.09
C GLU D 365 -1.10 11.32 -24.00
N VAL D 366 0.05 10.97 -23.44
CA VAL D 366 1.21 10.67 -24.28
C VAL D 366 1.23 9.21 -24.74
N ALA D 367 0.72 8.29 -23.92
CA ALA D 367 0.74 6.88 -24.32
C ALA D 367 -0.13 6.63 -25.54
N GLY D 368 -1.32 7.23 -25.57
CA GLY D 368 -2.21 7.03 -26.71
C GLY D 368 -1.68 7.59 -28.00
N LYS D 369 -1.03 8.75 -27.95
CA LYS D 369 -0.48 9.37 -29.15
C LYS D 369 0.77 8.67 -29.64
N SER D 370 1.45 7.89 -28.79
CA SER D 370 2.74 7.32 -29.11
C SER D 370 2.60 5.85 -29.48
N SER D 371 3.22 5.46 -30.59
CA SER D 371 3.31 4.05 -30.98
C SER D 371 4.64 3.43 -30.57
N LEU D 372 5.65 4.23 -30.27
CA LEU D 372 6.95 3.71 -29.83
C LEU D 372 7.63 4.81 -29.03
N LEU D 373 7.73 4.64 -27.72
CA LEU D 373 8.32 5.65 -26.86
C LEU D 373 9.85 5.57 -26.90
N ALA D 374 10.50 6.68 -26.58
CA ALA D 374 11.95 6.82 -26.68
C ALA D 374 12.51 7.49 -25.43
N VAL D 375 12.13 7.00 -24.26
CA VAL D 375 12.68 7.52 -23.01
C VAL D 375 14.14 7.08 -22.87
N GLU D 376 14.93 7.89 -22.18
CA GLU D 376 16.35 7.58 -21.99
C GLU D 376 16.55 6.34 -21.14
N THR D 377 16.16 6.41 -19.86
CA THR D 377 16.48 5.36 -18.90
C THR D 377 15.28 5.06 -18.03
N LEU D 378 15.25 3.83 -17.51
CA LEU D 378 14.19 3.37 -16.63
C LEU D 378 14.45 3.71 -15.17
N ARG D 379 15.64 4.19 -14.84
CA ARG D 379 16.05 4.47 -13.46
C ARG D 379 16.50 5.91 -13.33
N VAL D 380 16.08 6.57 -12.26
CA VAL D 380 16.45 7.97 -12.05
C VAL D 380 17.90 8.08 -11.58
N LYS D 381 18.48 6.99 -11.08
CA LYS D 381 19.86 7.03 -10.63
C LYS D 381 20.85 7.20 -11.79
N ASN D 382 20.39 6.98 -13.03
CA ASN D 382 21.24 7.12 -14.20
C ASN D 382 21.14 8.49 -14.85
N MET D 383 20.36 9.42 -14.29
CA MET D 383 20.21 10.75 -14.85
C MET D 383 20.68 11.85 -13.90
N LEU D 384 21.15 11.50 -12.70
CA LEU D 384 21.66 12.49 -11.75
C LEU D 384 23.17 12.69 -11.87
N GLN D 385 23.80 12.10 -12.90
CA GLN D 385 25.24 12.26 -13.07
C GLN D 385 25.62 13.72 -13.31
N ASN D 386 24.84 14.42 -14.13
CA ASN D 386 25.10 15.84 -14.39
C ASN D 386 24.73 16.71 -13.19
N HIS D 387 23.84 16.24 -12.31
CA HIS D 387 23.41 16.90 -11.09
C HIS D 387 22.58 18.15 -11.35
N ARG D 388 22.40 18.55 -12.62
CA ARG D 388 21.61 19.74 -12.90
C ARG D 388 20.14 19.51 -12.57
N LEU D 389 19.62 18.32 -12.86
CA LEU D 389 18.22 18.01 -12.60
C LEU D 389 17.92 17.80 -11.12
N ALA D 390 18.95 17.72 -10.27
CA ALA D 390 18.75 17.31 -8.89
C ALA D 390 17.82 18.25 -8.14
N PHE D 391 17.97 19.57 -8.36
CA PHE D 391 17.13 20.53 -7.64
C PHE D 391 15.66 20.32 -7.94
N ALA D 392 15.31 20.12 -9.21
CA ALA D 392 13.91 19.86 -9.56
C ALA D 392 13.49 18.45 -9.19
N LEU D 393 14.35 17.46 -9.43
CA LEU D 393 14.01 16.08 -9.15
C LEU D 393 13.88 15.78 -7.67
N SER D 394 14.36 16.67 -6.79
CA SER D 394 14.17 16.46 -5.36
C SER D 394 12.70 16.39 -5.00
N ASP D 395 11.89 17.26 -5.60
CA ASP D 395 10.44 17.21 -5.43
C ASP D 395 9.73 16.45 -6.54
N ALA D 396 10.26 16.49 -7.77
CA ALA D 396 9.68 15.76 -8.89
C ALA D 396 10.06 14.30 -8.76
N ALA D 397 9.21 13.53 -8.07
CA ALA D 397 9.45 12.10 -7.88
C ALA D 397 9.14 11.34 -9.16
N MET D 398 10.14 11.17 -10.02
CA MET D 398 9.90 10.52 -11.31
C MET D 398 9.91 9.00 -11.22
N SER D 399 10.06 8.42 -10.03
CA SER D 399 9.83 6.98 -9.90
C SER D 399 8.38 6.64 -10.24
N ASP D 400 7.43 7.41 -9.69
CA ASP D 400 6.03 7.21 -10.02
C ASP D 400 5.76 7.49 -11.49
N PHE D 401 6.38 8.54 -12.05
CA PHE D 401 6.20 8.84 -13.46
C PHE D 401 6.68 7.71 -14.35
N ILE D 402 7.86 7.16 -14.04
CA ILE D 402 8.41 6.05 -14.82
C ILE D 402 7.51 4.83 -14.70
N SER D 403 7.06 4.52 -13.49
CA SER D 403 6.18 3.35 -13.31
C SER D 403 4.86 3.53 -14.06
N LYS D 404 4.27 4.72 -13.98
CA LYS D 404 3.01 4.97 -14.66
C LYS D 404 3.16 4.86 -16.17
N LEU D 405 4.24 5.43 -16.72
CA LEU D 405 4.51 5.27 -18.14
C LEU D 405 4.68 3.80 -18.48
N LYS D 406 5.33 3.04 -17.60
CA LYS D 406 5.60 1.63 -17.88
C LYS D 406 4.31 0.82 -17.96
N TYR D 407 3.40 0.99 -17.00
CA TYR D 407 2.17 0.17 -17.06
C TYR D 407 1.03 0.85 -17.82
N LYS D 408 1.24 2.05 -18.36
CA LYS D 408 0.27 2.60 -19.30
C LYS D 408 0.72 2.48 -20.75
N ALA D 409 1.99 2.19 -20.99
CA ALA D 409 2.47 1.91 -22.34
C ALA D 409 2.41 0.43 -22.69
N ARG D 410 2.14 -0.44 -21.72
CA ARG D 410 2.08 -1.88 -21.97
C ARG D 410 0.66 -2.38 -22.21
N ARG D 411 -0.34 -1.73 -21.62
CA ARG D 411 -1.73 -2.14 -21.83
C ARG D 411 -2.14 -1.97 -23.29
N ILE D 412 -1.72 -0.87 -23.93
CA ILE D 412 -1.93 -0.73 -25.37
C ILE D 412 -0.88 -1.51 -26.15
N GLN D 413 0.11 -2.08 -25.46
CA GLN D 413 1.23 -2.80 -26.08
C GLN D 413 2.08 -1.86 -26.92
N VAL D 414 2.34 -0.67 -26.40
CA VAL D 414 3.25 0.29 -27.02
C VAL D 414 4.67 -0.01 -26.56
N PRO D 415 5.58 -0.35 -27.47
CA PRO D 415 6.96 -0.66 -27.04
C PRO D 415 7.62 0.54 -26.39
N LEU D 416 8.43 0.26 -25.36
CA LEU D 416 9.14 1.29 -24.62
C LEU D 416 10.62 0.94 -24.59
N VAL D 417 11.47 1.91 -24.87
CA VAL D 417 12.91 1.70 -24.86
C VAL D 417 13.61 2.85 -24.13
N ILE D 460 13.78 19.73 -27.82
CA ILE D 460 13.01 19.14 -28.91
C ILE D 460 13.95 18.45 -29.89
N ASN D 461 15.04 19.14 -30.24
CA ASN D 461 16.04 18.52 -31.10
C ASN D 461 16.67 17.30 -30.44
N ALA D 462 16.94 17.39 -29.13
CA ALA D 462 17.47 16.23 -28.41
C ALA D 462 16.46 15.09 -28.41
N ALA D 463 15.16 15.40 -28.23
CA ALA D 463 14.14 14.36 -28.26
C ALA D 463 14.07 13.70 -29.63
N LYS D 464 14.17 14.49 -30.69
CA LYS D 464 14.16 13.93 -32.04
C LYS D 464 15.37 13.03 -32.26
N ASN D 465 16.54 13.45 -31.78
CA ASN D 465 17.74 12.62 -31.90
C ASN D 465 17.58 11.32 -31.14
N ILE D 466 17.00 11.38 -29.94
CA ILE D 466 16.80 10.17 -29.14
C ILE D 466 15.84 9.22 -29.85
N LEU D 467 14.75 9.76 -30.41
CA LEU D 467 13.81 8.93 -31.15
C LEU D 467 14.46 8.30 -32.36
N ALA D 468 15.29 9.06 -33.08
CA ALA D 468 15.99 8.52 -34.24
C ALA D 468 16.95 7.40 -33.84
N ILE D 469 17.67 7.58 -32.73
CA ILE D 469 18.58 6.54 -32.24
C ILE D 469 17.80 5.30 -31.87
N ALA D 470 16.67 5.47 -31.17
CA ALA D 470 15.86 4.32 -30.79
C ALA D 470 15.33 3.58 -32.01
N GLN D 471 14.89 4.32 -33.03
CA GLN D 471 14.43 3.68 -34.27
C GLN D 471 15.57 2.94 -34.96
N ASN D 472 16.77 3.53 -34.98
CA ASN D 472 17.90 2.86 -35.60
C ASN D 472 18.26 1.58 -34.89
N MET D 473 18.24 1.60 -33.55
CA MET D 473 18.54 0.41 -32.77
C MET D 473 17.38 -0.58 -32.82
#